data_5RZJ
#
_entry.id   5RZJ
#
_cell.length_a   38.440
_cell.length_b   77.360
_cell.length_c   100.000
_cell.angle_alpha   90.000
_cell.angle_beta   90.000
_cell.angle_gamma   90.000
#
_symmetry.space_group_name_H-M   'P 21 21 21'
#
loop_
_entity.id
_entity.type
_entity.pdbx_description
1 polymer 'Isoform 2 of Band 4.1-like protein 3'
2 non-polymer 1-(5-methoxy-1H-indol-3-yl)-N,N-dimethyl-methanamine
3 non-polymer 'DIMETHYL SULFOXIDE'
4 non-polymer 1,2-ETHANEDIOL
5 water water
#
_entity_poly.entity_id   1
_entity_poly.type   'polypeptide(L)'
_entity_poly.pdbx_seq_one_letter_code
;SMPKSMQCKVILLDGSEYTCDVEKRSRGQVLFDKVCEHLNLLEKDYFGLTYRDAENQKNWLDPAKEIKKQVRSGAWHFSF
NVKFYPPDPAQLSEDITRYYLCLQLRDDIVSGRLPCSFVTLALLGSYTVQSELGDYDPDECGSDYISEFRFAPNHTKELE
DKVIELHKSHRGMTPAEAEMHFLENAKKLSMYGVDLHHAKDSEGVEIMLGVCASGLLIYRDRLRINRFAWPKVLKISYKR
NNFYIKIRPGEFEQFESTIGFKLPNHRAAKRLWKVCVEHHTFFRLL
;
_entity_poly.pdbx_strand_id   A
#
loop_
_chem_comp.id
_chem_comp.type
_chem_comp.name
_chem_comp.formula
7ZC non-polymer 1-(5-methoxy-1H-indol-3-yl)-N,N-dimethyl-methanamine 'C12 H16 N2 O'
DMS non-polymer 'DIMETHYL SULFOXIDE' 'C2 H6 O S'
EDO non-polymer 1,2-ETHANEDIOL 'C2 H6 O2'
#
# COMPACT_ATOMS: atom_id res chain seq x y z
N PRO A 3 -2.49 24.23 27.33
CA PRO A 3 -3.00 23.05 26.57
C PRO A 3 -1.86 22.14 26.08
N LYS A 4 -1.77 20.92 26.64
CA LYS A 4 -0.55 20.08 26.48
C LYS A 4 -0.53 19.34 25.14
N SER A 5 0.55 19.51 24.38
N SER A 5 0.52 19.58 24.36
CA SER A 5 0.74 18.99 23.01
CA SER A 5 0.75 18.98 23.01
C SER A 5 1.88 17.96 22.96
C SER A 5 1.68 17.77 23.14
N MET A 6 1.74 16.95 22.09
CA MET A 6 2.74 15.87 21.92
C MET A 6 3.36 16.09 20.56
N GLN A 7 4.69 15.94 20.46
CA GLN A 7 5.42 16.04 19.20
C GLN A 7 5.16 14.74 18.42
N CYS A 8 4.86 14.90 17.14
CA CYS A 8 4.59 13.78 16.20
C CYS A 8 5.67 13.81 15.12
N LYS A 9 6.23 12.66 14.80
CA LYS A 9 7.20 12.54 13.70
C LYS A 9 6.60 11.60 12.66
N VAL A 10 6.60 12.04 11.41
CA VAL A 10 5.95 11.30 10.30
C VAL A 10 6.98 11.11 9.21
N ILE A 11 7.26 9.87 8.88
CA ILE A 11 8.13 9.52 7.72
C ILE A 11 7.27 9.62 6.47
N LEU A 12 7.67 10.51 5.57
CA LEU A 12 6.92 10.79 4.31
C LEU A 12 7.42 9.81 3.24
N LEU A 13 6.71 9.74 2.13
CA LEU A 13 7.01 8.70 1.10
C LEU A 13 8.33 9.02 0.40
N ASP A 14 8.84 10.25 0.49
CA ASP A 14 10.14 10.60 -0.13
C ASP A 14 11.26 10.29 0.86
N GLY A 15 10.95 9.70 2.03
CA GLY A 15 11.97 9.31 3.03
C GLY A 15 12.26 10.40 4.04
N SER A 16 11.77 11.62 3.78
CA SER A 16 11.97 12.80 4.67
C SER A 16 10.98 12.74 5.85
N GLU A 17 11.24 13.58 6.85
CA GLU A 17 10.56 13.51 8.18
C GLU A 17 9.77 14.81 8.37
N TYR A 18 8.46 14.72 8.56
CA TYR A 18 7.60 15.85 8.94
C TYR A 18 7.37 15.80 10.46
N THR A 19 7.56 16.93 11.15
CA THR A 19 7.36 17.05 12.62
C THR A 19 6.33 18.13 12.88
N CYS A 20 5.39 17.86 13.79
CA CYS A 20 4.37 18.81 14.25
C CYS A 20 4.00 18.43 15.68
N ASP A 21 3.19 19.27 16.31
CA ASP A 21 2.68 19.08 17.67
C ASP A 21 1.17 18.95 17.50
N VAL A 22 0.54 18.04 18.23
CA VAL A 22 -0.94 18.00 18.39
C VAL A 22 -1.28 17.89 19.86
N GLU A 23 -2.50 18.29 20.22
CA GLU A 23 -3.00 18.21 21.60
C GLU A 23 -3.06 16.72 21.94
N LYS A 24 -2.70 16.35 23.17
CA LYS A 24 -2.39 14.94 23.50
C LYS A 24 -3.68 14.09 23.41
N ARG A 25 -4.88 14.70 23.48
CA ARG A 25 -6.18 13.98 23.43
C ARG A 25 -6.70 13.94 21.98
N SER A 26 -5.91 14.42 21.03
CA SER A 26 -6.30 14.51 19.60
C SER A 26 -6.65 13.14 19.01
N ARG A 27 -7.68 13.13 18.16
CA ARG A 27 -8.03 12.01 17.26
C ARG A 27 -7.01 11.95 16.11
N GLY A 28 -6.87 10.80 15.44
CA GLY A 28 -5.87 10.65 14.37
C GLY A 28 -6.08 11.63 13.24
N GLN A 29 -7.34 11.99 12.96
CA GLN A 29 -7.70 12.86 11.81
C GLN A 29 -6.93 14.17 11.93
N VAL A 30 -6.76 14.67 13.16
CA VAL A 30 -6.09 15.97 13.39
C VAL A 30 -4.69 15.91 12.77
N LEU A 31 -3.93 14.86 13.07
CA LEU A 31 -2.54 14.72 12.57
C LEU A 31 -2.55 14.46 11.06
N PHE A 32 -3.43 13.59 10.60
CA PHE A 32 -3.56 13.25 9.17
C PHE A 32 -3.82 14.54 8.37
N ASP A 33 -4.72 15.39 8.84
CA ASP A 33 -5.09 16.67 8.17
C ASP A 33 -3.84 17.55 8.07
N LYS A 34 -3.04 17.62 9.15
CA LYS A 34 -1.82 18.44 9.13
C LYS A 34 -0.85 17.86 8.08
N VAL A 35 -0.68 16.55 8.06
CA VAL A 35 0.25 15.89 7.10
C VAL A 35 -0.24 16.12 5.67
N CYS A 36 -1.52 15.93 5.39
CA CYS A 36 -2.06 16.11 4.01
C CYS A 36 -1.91 17.58 3.58
N GLU A 37 -2.11 18.53 4.47
CA GLU A 37 -1.90 19.96 4.14
C GLU A 37 -0.43 20.18 3.78
N HIS A 38 0.50 19.69 4.60
CA HIS A 38 1.94 19.77 4.30
C HIS A 38 2.21 19.27 2.87
N LEU A 39 1.56 18.17 2.49
CA LEU A 39 1.83 17.47 1.21
C LEU A 39 1.06 18.12 0.05
N ASN A 40 0.17 19.09 0.32
CA ASN A 40 -0.72 19.66 -0.70
C ASN A 40 -1.62 18.56 -1.30
N LEU A 41 -2.08 17.62 -0.49
CA LEU A 41 -2.88 16.45 -0.94
C LEU A 41 -4.34 16.70 -0.62
N LEU A 42 -5.19 16.72 -1.66
CA LEU A 42 -6.66 16.91 -1.52
C LEU A 42 -7.40 15.58 -1.60
N GLU A 43 -6.91 14.62 -2.39
CA GLU A 43 -7.59 13.30 -2.52
C GLU A 43 -7.07 12.39 -1.42
N LYS A 44 -7.48 12.71 -0.20
CA LYS A 44 -6.94 12.12 1.05
C LYS A 44 -7.46 10.70 1.30
N ASP A 45 -8.63 10.35 0.75
CA ASP A 45 -9.35 9.10 1.09
C ASP A 45 -8.51 7.85 0.85
N TYR A 46 -7.53 7.87 -0.06
CA TYR A 46 -6.71 6.68 -0.41
C TYR A 46 -5.59 6.46 0.59
N PHE A 47 -5.32 7.41 1.50
CA PHE A 47 -4.08 7.43 2.33
C PHE A 47 -4.41 7.28 3.80
N GLY A 48 -3.36 7.07 4.59
CA GLY A 48 -3.46 6.95 6.05
C GLY A 48 -2.11 7.04 6.69
N LEU A 49 -2.10 7.09 8.01
CA LEU A 49 -0.83 6.97 8.78
C LEU A 49 -0.75 5.57 9.36
N THR A 50 0.45 5.03 9.41
CA THR A 50 0.75 3.79 10.13
C THR A 50 1.56 4.13 11.37
N TYR A 51 1.52 3.24 12.35
CA TYR A 51 2.45 3.24 13.50
C TYR A 51 2.78 1.77 13.79
N ARG A 52 3.80 1.55 14.61
CA ARG A 52 4.23 0.20 15.08
C ARG A 52 3.72 -0.01 16.50
N ASP A 53 3.14 -1.20 16.76
CA ASP A 53 2.60 -1.55 18.08
C ASP A 53 3.74 -2.13 18.89
N ALA A 54 3.42 -2.60 20.10
CA ALA A 54 4.41 -3.11 21.08
C ALA A 54 5.09 -4.38 20.53
N GLU A 55 4.45 -5.05 19.56
CA GLU A 55 5.00 -6.23 18.82
C GLU A 55 5.71 -5.83 17.53
N ASN A 56 5.93 -4.52 17.30
CA ASN A 56 6.58 -3.96 16.08
C ASN A 56 5.77 -4.32 14.82
N GLN A 57 4.45 -4.49 14.94
CA GLN A 57 3.63 -4.78 13.74
C GLN A 57 3.08 -3.43 13.28
N LYS A 58 2.97 -3.27 11.97
CA LYS A 58 2.37 -2.06 11.35
C LYS A 58 0.88 -2.06 11.67
N ASN A 59 0.34 -0.93 12.10
CA ASN A 59 -1.10 -0.72 12.33
C ASN A 59 -1.51 0.58 11.64
N TRP A 60 -2.69 0.61 11.06
CA TRP A 60 -3.28 1.90 10.62
C TRP A 60 -3.69 2.74 11.83
N LEU A 61 -3.31 4.00 11.85
CA LEU A 61 -3.86 4.98 12.80
C LEU A 61 -5.31 5.25 12.39
N ASP A 62 -6.24 4.86 13.24
CA ASP A 62 -7.68 5.14 13.03
C ASP A 62 -7.93 6.62 13.25
N PRO A 63 -8.32 7.38 12.20
CA PRO A 63 -8.47 8.82 12.33
C PRO A 63 -9.63 9.22 13.26
N ALA A 64 -10.56 8.29 13.48
CA ALA A 64 -11.75 8.52 14.33
C ALA A 64 -11.48 8.16 15.78
N LYS A 65 -10.26 7.74 16.15
CA LYS A 65 -9.90 7.34 17.55
C LYS A 65 -8.73 8.18 18.06
N GLU A 66 -8.67 8.35 19.37
CA GLU A 66 -7.59 9.12 20.01
C GLU A 66 -6.25 8.47 19.63
N ILE A 67 -5.28 9.29 19.30
CA ILE A 67 -3.91 8.80 18.97
C ILE A 67 -3.35 8.07 20.17
N LYS A 68 -3.50 8.66 21.36
CA LYS A 68 -2.88 8.06 22.59
C LYS A 68 -3.43 6.65 22.84
N LYS A 69 -4.68 6.38 22.47
CA LYS A 69 -5.31 5.06 22.74
C LYS A 69 -4.86 4.02 21.71
N GLN A 70 -4.13 4.44 20.68
CA GLN A 70 -3.60 3.53 19.64
C GLN A 70 -2.09 3.35 19.82
N VAL A 71 -1.32 4.41 19.93
CA VAL A 71 0.16 4.29 20.11
C VAL A 71 0.46 3.79 21.53
N ARG A 72 -0.43 4.06 22.49
CA ARG A 72 -0.38 3.61 23.90
C ARG A 72 0.98 3.97 24.52
N SER A 73 1.84 2.97 24.77
CA SER A 73 3.14 3.18 25.47
C SER A 73 4.28 3.44 24.47
N GLY A 74 4.02 3.40 23.16
CA GLY A 74 5.06 3.63 22.14
C GLY A 74 5.32 5.10 21.83
N ALA A 75 6.32 5.39 20.99
CA ALA A 75 6.64 6.77 20.55
C ALA A 75 5.56 7.23 19.57
N TRP A 76 5.31 8.54 19.53
CA TRP A 76 4.40 9.18 18.54
C TRP A 76 5.13 9.34 17.21
N HIS A 77 5.42 8.19 16.60
CA HIS A 77 6.17 8.08 15.34
C HIS A 77 5.32 7.32 14.32
N PHE A 78 5.20 7.88 13.15
CA PHE A 78 4.24 7.37 12.13
C PHE A 78 4.90 7.35 10.77
N SER A 79 4.25 6.68 9.81
CA SER A 79 4.58 6.81 8.39
C SER A 79 3.30 7.15 7.63
N PHE A 80 3.48 7.89 6.57
CA PHE A 80 2.41 8.28 5.64
C PHE A 80 2.41 7.28 4.48
N ASN A 81 1.28 6.66 4.22
CA ASN A 81 1.20 5.51 3.31
C ASN A 81 -0.11 5.54 2.51
N VAL A 82 -0.08 4.85 1.38
CA VAL A 82 -1.33 4.52 0.67
C VAL A 82 -2.04 3.42 1.46
N LYS A 83 -3.30 3.64 1.79
CA LYS A 83 -4.13 2.64 2.47
C LYS A 83 -4.97 1.86 1.44
N PHE A 84 -5.60 2.55 0.51
CA PHE A 84 -6.47 1.87 -0.49
C PHE A 84 -5.89 2.11 -1.86
N TYR A 85 -5.34 1.10 -2.50
CA TYR A 85 -4.69 1.29 -3.82
C TYR A 85 -5.78 1.33 -4.89
N PRO A 86 -5.92 2.44 -5.62
CA PRO A 86 -7.00 2.54 -6.61
C PRO A 86 -6.77 1.56 -7.75
N PRO A 87 -7.79 0.77 -8.13
CA PRO A 87 -7.64 -0.15 -9.24
C PRO A 87 -7.34 0.60 -10.56
N ASP A 88 -7.86 1.81 -10.72
CA ASP A 88 -7.62 2.58 -11.97
C ASP A 88 -7.14 3.98 -11.59
N PRO A 89 -5.80 4.11 -11.41
CA PRO A 89 -5.22 5.40 -11.03
C PRO A 89 -5.52 6.54 -12.02
N ALA A 90 -5.90 6.23 -13.26
CA ALA A 90 -6.22 7.27 -14.28
C ALA A 90 -7.47 8.05 -13.85
N GLN A 91 -8.31 7.46 -13.01
CA GLN A 91 -9.58 8.09 -12.56
C GLN A 91 -9.34 8.99 -11.36
N LEU A 92 -8.14 9.03 -10.77
CA LEU A 92 -7.84 10.06 -9.74
C LEU A 92 -7.89 11.45 -10.37
N SER A 93 -8.39 12.45 -9.64
CA SER A 93 -8.65 13.81 -10.16
C SER A 93 -7.33 14.58 -10.25
N GLU A 94 -6.34 14.29 -9.38
CA GLU A 94 -5.11 15.11 -9.35
C GLU A 94 -3.84 14.33 -9.64
N ASP A 95 -2.96 14.97 -10.42
CA ASP A 95 -1.61 14.47 -10.71
C ASP A 95 -0.87 14.22 -9.37
N ILE A 96 -1.02 15.09 -8.39
CA ILE A 96 -0.15 15.00 -7.18
C ILE A 96 -0.57 13.74 -6.42
N THR A 97 -1.83 13.33 -6.54
CA THR A 97 -2.31 12.09 -5.91
C THR A 97 -1.55 10.94 -6.54
N ARG A 98 -1.51 10.94 -7.88
CA ARG A 98 -0.82 9.88 -8.64
C ARG A 98 0.67 9.88 -8.26
N TYR A 99 1.27 11.03 -8.01
CA TYR A 99 2.70 11.15 -7.62
C TYR A 99 2.92 10.40 -6.30
N TYR A 100 2.12 10.69 -5.28
CA TYR A 100 2.23 10.00 -3.97
C TYR A 100 2.02 8.52 -4.16
N LEU A 101 1.02 8.10 -4.96
CA LEU A 101 0.82 6.66 -5.24
C LEU A 101 2.10 6.07 -5.89
N CYS A 102 2.73 6.76 -6.84
CA CYS A 102 4.01 6.29 -7.42
C CYS A 102 5.05 6.15 -6.31
N LEU A 103 5.15 7.12 -5.40
CA LEU A 103 6.22 7.06 -4.38
C LEU A 103 5.99 5.81 -3.54
N GLN A 104 4.73 5.52 -3.18
CA GLN A 104 4.44 4.33 -2.37
C GLN A 104 4.81 3.06 -3.13
N LEU A 105 4.44 2.98 -4.41
CA LEU A 105 4.71 1.78 -5.23
C LEU A 105 6.20 1.59 -5.40
N ARG A 106 6.95 2.68 -5.52
CA ARG A 106 8.42 2.60 -5.62
C ARG A 106 8.96 1.90 -4.38
N ASP A 107 8.47 2.26 -3.18
CA ASP A 107 8.88 1.58 -1.92
C ASP A 107 8.35 0.16 -1.87
N ASP A 108 7.12 -0.08 -2.29
CA ASP A 108 6.60 -1.46 -2.39
C ASP A 108 7.54 -2.32 -3.25
N ILE A 109 8.07 -1.77 -4.34
CA ILE A 109 8.96 -2.51 -5.25
C ILE A 109 10.32 -2.72 -4.57
N VAL A 110 10.96 -1.65 -4.08
CA VAL A 110 12.33 -1.79 -3.50
C VAL A 110 12.31 -2.74 -2.30
N SER A 111 11.27 -2.66 -1.50
CA SER A 111 11.10 -3.47 -0.25
C SER A 111 10.85 -4.95 -0.59
N GLY A 112 10.48 -5.27 -1.84
CA GLY A 112 10.08 -6.61 -2.29
C GLY A 112 8.65 -7.00 -1.94
N ARG A 113 7.84 -6.10 -1.38
CA ARG A 113 6.39 -6.39 -1.14
C ARG A 113 5.66 -6.56 -2.46
N LEU A 114 6.12 -5.90 -3.52
CA LEU A 114 5.48 -5.94 -4.85
C LEU A 114 6.42 -6.61 -5.83
N PRO A 115 6.34 -7.94 -5.99
CA PRO A 115 7.24 -8.66 -6.89
C PRO A 115 6.97 -8.16 -8.30
N CYS A 116 8.00 -8.20 -9.13
N CYS A 116 8.05 -7.98 -9.07
CA CYS A 116 7.99 -7.55 -10.46
CA CYS A 116 8.05 -7.51 -10.48
C CYS A 116 9.04 -8.20 -11.36
C CYS A 116 8.99 -8.38 -11.32
N SER A 117 8.70 -8.48 -12.62
CA SER A 117 9.67 -9.05 -13.61
C SER A 117 10.77 -8.01 -13.84
N PHE A 118 11.93 -8.47 -14.29
CA PHE A 118 13.04 -7.65 -14.80
C PHE A 118 12.51 -6.53 -15.71
N VAL A 119 11.77 -6.89 -16.75
CA VAL A 119 11.31 -5.91 -17.77
C VAL A 119 10.44 -4.85 -17.09
N THR A 120 9.49 -5.26 -16.24
CA THR A 120 8.59 -4.27 -15.61
C THR A 120 9.38 -3.42 -14.62
N LEU A 121 10.34 -3.98 -13.89
CA LEU A 121 11.24 -3.14 -13.04
C LEU A 121 11.92 -2.04 -13.86
N ALA A 122 12.44 -2.39 -15.04
CA ALA A 122 13.12 -1.45 -15.96
C ALA A 122 12.14 -0.41 -16.49
N LEU A 123 10.94 -0.85 -16.91
CA LEU A 123 9.89 0.06 -17.43
C LEU A 123 9.53 1.06 -16.33
N LEU A 124 9.15 0.58 -15.15
CA LEU A 124 8.76 1.49 -14.04
C LEU A 124 9.93 2.47 -13.79
N GLY A 125 11.16 1.96 -13.67
CA GLY A 125 12.29 2.86 -13.39
C GLY A 125 12.43 3.91 -14.49
N SER A 126 12.30 3.49 -15.75
CA SER A 126 12.41 4.43 -16.90
C SER A 126 11.38 5.55 -16.84
N TYR A 127 10.14 5.29 -16.40
CA TYR A 127 9.11 6.33 -16.24
C TYR A 127 9.49 7.28 -15.08
N THR A 128 9.90 6.75 -13.95
CA THR A 128 10.36 7.63 -12.84
C THR A 128 11.48 8.55 -13.32
N VAL A 129 12.48 7.99 -13.97
CA VAL A 129 13.64 8.80 -14.42
C VAL A 129 13.09 9.88 -15.37
N GLN A 130 12.21 9.52 -16.30
CA GLN A 130 11.70 10.50 -17.28
C GLN A 130 10.93 11.63 -16.56
N SER A 131 10.13 11.29 -15.57
N SER A 131 10.13 11.28 -15.55
CA SER A 131 9.33 12.27 -14.79
CA SER A 131 9.30 12.25 -14.79
C SER A 131 10.26 13.25 -14.09
C SER A 131 10.21 13.23 -14.02
N GLU A 132 11.26 12.72 -13.37
CA GLU A 132 12.08 13.51 -12.42
C GLU A 132 13.27 14.19 -13.12
N LEU A 133 13.87 13.58 -14.13
CA LEU A 133 15.03 14.22 -14.82
C LEU A 133 14.62 14.81 -16.16
N GLY A 134 13.50 14.38 -16.73
CA GLY A 134 13.10 14.77 -18.09
C GLY A 134 13.90 14.00 -19.13
N ASP A 135 14.00 14.56 -20.35
CA ASP A 135 14.53 13.82 -21.52
C ASP A 135 15.93 13.30 -21.27
N TYR A 136 16.19 12.08 -21.75
CA TYR A 136 17.50 11.40 -21.65
C TYR A 136 18.55 12.32 -22.27
N ASP A 137 19.69 12.54 -21.61
CA ASP A 137 20.77 13.34 -22.24
C ASP A 137 21.69 12.40 -23.02
N PRO A 138 21.69 12.49 -24.37
CA PRO A 138 22.50 11.60 -25.20
C PRO A 138 24.00 11.83 -24.94
N ASP A 139 24.33 12.95 -24.32
CA ASP A 139 25.72 13.39 -24.03
C ASP A 139 26.31 12.52 -22.91
N GLU A 140 25.49 12.11 -21.95
CA GLU A 140 25.91 11.25 -20.80
C GLU A 140 26.38 9.90 -21.35
N CYS A 141 25.69 9.40 -22.37
CA CYS A 141 26.05 8.18 -23.17
C CYS A 141 26.97 7.24 -22.38
N GLY A 142 26.38 6.37 -21.55
CA GLY A 142 27.06 5.21 -20.93
C GLY A 142 27.45 5.46 -19.49
N SER A 143 27.33 6.71 -19.00
CA SER A 143 27.60 7.11 -17.61
C SER A 143 26.34 6.90 -16.77
N ASP A 144 26.42 7.17 -15.45
CA ASP A 144 25.36 6.83 -14.47
C ASP A 144 24.84 8.11 -13.77
N TYR A 145 23.94 8.81 -14.47
CA TYR A 145 23.12 9.94 -13.97
C TYR A 145 21.95 9.42 -13.10
N ILE A 146 21.84 8.09 -12.92
CA ILE A 146 20.68 7.44 -12.23
C ILE A 146 21.18 6.72 -10.96
N SER A 147 22.38 7.06 -10.50
CA SER A 147 23.06 6.43 -9.34
C SER A 147 22.21 6.53 -8.07
N GLU A 148 21.34 7.54 -7.96
CA GLU A 148 20.58 7.79 -6.70
C GLU A 148 19.23 7.07 -6.73
N PHE A 149 18.73 6.71 -7.92
CA PHE A 149 17.42 6.02 -8.10
C PHE A 149 17.56 4.55 -7.72
N ARG A 150 16.70 4.11 -6.80
CA ARG A 150 16.52 2.70 -6.37
C ARG A 150 15.30 2.17 -7.10
N PHE A 151 15.47 1.09 -7.86
CA PHE A 151 14.45 0.57 -8.80
C PHE A 151 13.95 -0.79 -8.39
N ALA A 152 14.68 -1.50 -7.53
CA ALA A 152 14.41 -2.94 -7.31
C ALA A 152 15.05 -3.37 -6.02
N PRO A 153 14.62 -4.51 -5.46
CA PRO A 153 15.18 -5.02 -4.22
C PRO A 153 16.68 -5.33 -4.42
N ASN A 154 17.06 -5.70 -5.64
CA ASN A 154 18.46 -6.04 -6.03
C ASN A 154 18.78 -5.40 -7.39
N HIS A 155 19.76 -4.51 -7.41
CA HIS A 155 20.22 -3.85 -8.64
C HIS A 155 21.25 -4.72 -9.36
N THR A 156 21.12 -4.78 -10.68
CA THR A 156 22.14 -5.38 -11.56
C THR A 156 22.55 -4.34 -12.59
N LYS A 157 23.75 -4.48 -13.12
CA LYS A 157 24.16 -3.65 -14.26
C LYS A 157 23.16 -3.83 -15.40
N GLU A 158 22.69 -5.05 -15.67
CA GLU A 158 21.74 -5.34 -16.77
C GLU A 158 20.46 -4.50 -16.55
N LEU A 159 19.97 -4.48 -15.31
CA LEU A 159 18.75 -3.68 -14.99
C LEU A 159 19.00 -2.19 -15.29
N GLU A 160 20.12 -1.65 -14.79
CA GLU A 160 20.52 -0.22 -15.03
C GLU A 160 20.53 0.04 -16.53
N ASP A 161 21.16 -0.85 -17.32
CA ASP A 161 21.25 -0.69 -18.80
C ASP A 161 19.83 -0.61 -19.39
N LYS A 162 18.92 -1.42 -18.88
CA LYS A 162 17.58 -1.54 -19.50
C LYS A 162 16.79 -0.28 -19.17
N VAL A 163 16.90 0.24 -17.94
CA VAL A 163 16.23 1.54 -17.55
C VAL A 163 16.69 2.63 -18.52
N ILE A 164 17.97 2.65 -18.83
CA ILE A 164 18.55 3.73 -19.68
C ILE A 164 18.00 3.56 -21.11
N GLU A 165 17.97 2.33 -21.65
CA GLU A 165 17.44 2.07 -23.01
C GLU A 165 15.99 2.55 -23.11
N LEU A 166 15.15 2.18 -22.14
CA LEU A 166 13.73 2.61 -22.14
C LEU A 166 13.61 4.12 -21.89
N HIS A 167 14.46 4.68 -21.04
CA HIS A 167 14.44 6.15 -20.79
C HIS A 167 14.62 6.89 -22.13
N LYS A 168 15.55 6.45 -22.94
CA LYS A 168 15.81 7.08 -24.27
C LYS A 168 14.53 7.12 -25.10
N SER A 169 13.66 6.11 -24.98
CA SER A 169 12.45 5.93 -25.81
C SER A 169 11.35 6.92 -25.36
N HIS A 170 11.44 7.53 -24.16
CA HIS A 170 10.37 8.42 -23.60
C HIS A 170 10.63 9.90 -23.91
N ARG A 171 11.50 10.23 -24.87
CA ARG A 171 11.80 11.67 -25.17
C ARG A 171 10.49 12.45 -25.40
N GLY A 172 10.34 13.59 -24.75
CA GLY A 172 9.20 14.50 -24.90
C GLY A 172 8.09 14.21 -23.91
N MET A 173 8.24 13.16 -23.09
CA MET A 173 7.16 12.77 -22.14
C MET A 173 7.23 13.70 -20.93
N THR A 174 6.09 14.22 -20.50
CA THR A 174 6.03 15.16 -19.37
C THR A 174 5.80 14.37 -18.08
N PRO A 175 6.01 14.98 -16.90
CA PRO A 175 5.99 14.23 -15.63
C PRO A 175 4.68 13.53 -15.30
N ALA A 176 3.55 14.23 -15.38
CA ALA A 176 2.25 13.57 -15.10
C ALA A 176 2.06 12.44 -16.11
N GLU A 177 2.48 12.62 -17.37
CA GLU A 177 2.31 11.58 -18.42
C GLU A 177 3.13 10.35 -18.03
N ALA A 178 4.38 10.56 -17.60
CA ALA A 178 5.33 9.48 -17.27
C ALA A 178 4.76 8.76 -16.03
N GLU A 179 4.30 9.50 -15.03
CA GLU A 179 3.75 8.90 -13.78
C GLU A 179 2.48 8.12 -14.09
N MET A 180 1.67 8.59 -15.03
CA MET A 180 0.46 7.84 -15.46
C MET A 180 0.90 6.52 -16.10
N HIS A 181 1.95 6.50 -16.94
CA HIS A 181 2.42 5.25 -17.59
C HIS A 181 2.98 4.31 -16.50
N PHE A 182 3.72 4.87 -15.55
CA PHE A 182 4.21 4.09 -14.39
C PHE A 182 3.02 3.32 -13.81
N LEU A 183 1.96 4.04 -13.46
CA LEU A 183 0.79 3.47 -12.78
C LEU A 183 0.03 2.50 -13.69
N GLU A 184 -0.07 2.75 -14.99
CA GLU A 184 -0.76 1.82 -15.90
C GLU A 184 -0.03 0.47 -15.90
N ASN A 185 1.31 0.43 -15.77
CA ASN A 185 2.06 -0.84 -15.68
C ASN A 185 1.91 -1.46 -14.29
N ALA A 186 2.12 -0.66 -13.24
CA ALA A 186 2.16 -1.17 -11.85
C ALA A 186 0.81 -1.76 -11.45
N LYS A 187 -0.30 -1.15 -11.89
CA LYS A 187 -1.68 -1.55 -11.49
C LYS A 187 -1.97 -2.97 -11.98
N LYS A 188 -1.21 -3.47 -12.97
CA LYS A 188 -1.47 -4.80 -13.60
C LYS A 188 -0.70 -5.91 -12.87
N LEU A 189 0.23 -5.56 -11.99
CA LEU A 189 1.06 -6.54 -11.25
C LEU A 189 0.15 -7.33 -10.33
N SER A 190 0.35 -8.63 -10.32
CA SER A 190 -0.56 -9.54 -9.57
C SER A 190 -0.61 -9.18 -8.07
N MET A 191 0.40 -8.55 -7.49
CA MET A 191 0.40 -8.21 -6.03
C MET A 191 0.15 -6.72 -5.80
N TYR A 192 -0.21 -5.98 -6.84
CA TYR A 192 -0.55 -4.54 -6.73
C TYR A 192 -1.62 -4.32 -5.66
N GLY A 193 -1.28 -3.51 -4.68
CA GLY A 193 -2.20 -3.12 -3.58
C GLY A 193 -2.63 -4.30 -2.72
N VAL A 194 -1.89 -5.39 -2.67
CA VAL A 194 -2.33 -6.55 -1.84
C VAL A 194 -1.61 -6.46 -0.50
N ASP A 195 -2.38 -6.34 0.59
CA ASP A 195 -1.85 -6.39 2.00
C ASP A 195 -1.85 -7.86 2.43
N LEU A 196 -0.68 -8.47 2.67
CA LEU A 196 -0.51 -9.94 2.88
C LEU A 196 -0.40 -10.27 4.37
N HIS A 197 -1.09 -11.30 4.81
CA HIS A 197 -1.12 -11.69 6.25
C HIS A 197 -0.86 -13.19 6.33
N HIS A 198 0.14 -13.63 7.10
CA HIS A 198 0.38 -15.07 7.34
C HIS A 198 -0.80 -15.65 8.14
N ALA A 199 -1.23 -16.85 7.78
CA ALA A 199 -2.34 -17.54 8.46
C ALA A 199 -2.25 -19.04 8.21
N LYS A 200 -3.18 -19.79 8.81
CA LYS A 200 -3.36 -21.24 8.60
C LYS A 200 -4.83 -21.47 8.29
N ASP A 201 -5.14 -22.46 7.45
CA ASP A 201 -6.56 -22.82 7.16
C ASP A 201 -7.06 -23.69 8.31
N SER A 202 -8.34 -24.09 8.29
CA SER A 202 -9.02 -24.84 9.38
C SER A 202 -8.38 -26.23 9.58
N GLU A 203 -7.47 -26.62 8.70
CA GLU A 203 -6.69 -27.88 8.78
C GLU A 203 -5.25 -27.60 9.21
N GLY A 204 -4.88 -26.36 9.50
CA GLY A 204 -3.51 -26.02 9.94
C GLY A 204 -2.47 -25.88 8.82
N VAL A 205 -2.88 -25.79 7.54
CA VAL A 205 -1.92 -25.62 6.40
C VAL A 205 -1.56 -24.13 6.30
N GLU A 206 -0.27 -23.80 6.17
CA GLU A 206 0.24 -22.40 6.11
C GLU A 206 -0.26 -21.78 4.80
N ILE A 207 -0.91 -20.64 4.91
CA ILE A 207 -1.43 -19.92 3.72
C ILE A 207 -1.07 -18.47 3.92
N MET A 208 -1.38 -17.62 2.94
CA MET A 208 -1.38 -16.15 3.13
C MET A 208 -2.75 -15.63 2.72
N LEU A 209 -3.24 -14.62 3.44
CA LEU A 209 -4.50 -13.92 3.12
C LEU A 209 -4.10 -12.55 2.57
N GLY A 210 -4.59 -12.21 1.39
CA GLY A 210 -4.30 -10.92 0.76
C GLY A 210 -5.53 -10.05 0.75
N VAL A 211 -5.39 -8.82 1.18
CA VAL A 211 -6.53 -7.89 1.28
C VAL A 211 -6.33 -6.85 0.16
N CYS A 212 -7.30 -6.72 -0.72
CA CYS A 212 -7.19 -5.74 -1.82
C CYS A 212 -8.56 -5.35 -2.30
N ALA A 213 -8.59 -4.45 -3.27
CA ALA A 213 -9.80 -3.92 -3.90
C ALA A 213 -10.75 -5.05 -4.29
N SER A 214 -10.20 -6.11 -4.88
CA SER A 214 -10.97 -7.20 -5.55
C SER A 214 -11.45 -8.24 -4.53
N GLY A 215 -11.04 -8.15 -3.26
CA GLY A 215 -11.63 -9.01 -2.23
C GLY A 215 -10.58 -9.58 -1.32
N LEU A 216 -10.87 -10.73 -0.73
CA LEU A 216 -9.93 -11.44 0.13
C LEU A 216 -9.34 -12.60 -0.67
N LEU A 217 -8.03 -12.60 -0.86
CA LEU A 217 -7.34 -13.63 -1.67
C LEU A 217 -6.71 -14.65 -0.72
N ILE A 218 -6.69 -15.92 -1.12
CA ILE A 218 -6.02 -17.00 -0.36
C ILE A 218 -4.93 -17.58 -1.24
N TYR A 219 -3.68 -17.50 -0.78
CA TYR A 219 -2.50 -18.14 -1.39
C TYR A 219 -2.17 -19.37 -0.54
N ARG A 220 -2.35 -20.58 -1.10
CA ARG A 220 -2.13 -21.87 -0.40
C ARG A 220 -0.71 -22.35 -0.74
N ASP A 221 -0.31 -22.13 -1.99
CA ASP A 221 1.10 -22.01 -2.47
C ASP A 221 1.02 -21.39 -3.88
N ARG A 222 1.88 -21.81 -4.82
CA ARG A 222 1.90 -21.26 -6.20
C ARG A 222 0.81 -21.91 -7.06
N LEU A 223 0.29 -23.08 -6.63
CA LEU A 223 -0.86 -23.77 -7.29
C LEU A 223 -2.03 -23.83 -6.30
N ARG A 224 -3.24 -23.49 -6.79
CA ARG A 224 -4.53 -23.44 -6.04
C ARG A 224 -4.57 -22.17 -5.16
N ILE A 225 -4.97 -21.05 -5.77
CA ILE A 225 -5.35 -19.77 -5.12
C ILE A 225 -6.86 -19.80 -4.88
N ASN A 226 -7.41 -18.84 -4.13
CA ASN A 226 -8.87 -18.65 -3.97
C ASN A 226 -9.16 -17.16 -3.80
N ARG A 227 -10.39 -16.72 -4.05
CA ARG A 227 -10.78 -15.29 -4.00
C ARG A 227 -12.23 -15.18 -3.52
N PHE A 228 -12.46 -14.35 -2.50
CA PHE A 228 -13.79 -13.97 -2.00
C PHE A 228 -13.95 -12.50 -2.33
N ALA A 229 -14.67 -12.23 -3.41
CA ALA A 229 -15.02 -10.86 -3.84
C ALA A 229 -15.82 -10.23 -2.70
N TRP A 230 -15.58 -8.96 -2.41
CA TRP A 230 -16.20 -8.30 -1.24
C TRP A 230 -17.72 -8.43 -1.27
N PRO A 231 -18.43 -8.28 -2.40
CA PRO A 231 -19.90 -8.30 -2.34
C PRO A 231 -20.40 -9.63 -1.75
N LYS A 232 -19.68 -10.74 -1.94
CA LYS A 232 -20.08 -12.08 -1.43
C LYS A 232 -19.93 -12.15 0.08
N VAL A 233 -19.11 -11.27 0.67
CA VAL A 233 -18.75 -11.36 2.11
C VAL A 233 -19.79 -10.59 2.89
N LEU A 234 -20.61 -11.23 3.73
CA LEU A 234 -21.68 -10.53 4.48
C LEU A 234 -21.18 -10.06 5.85
N LYS A 235 -20.26 -10.80 6.45
CA LYS A 235 -19.78 -10.47 7.82
C LYS A 235 -18.34 -10.92 7.95
N ILE A 236 -17.54 -10.08 8.55
CA ILE A 236 -16.14 -10.42 8.93
C ILE A 236 -16.09 -10.38 10.46
N SER A 237 -15.40 -11.34 11.07
CA SER A 237 -15.35 -11.45 12.55
C SER A 237 -14.03 -12.07 12.99
N TYR A 238 -13.72 -11.88 14.27
CA TYR A 238 -12.54 -12.50 14.89
C TYR A 238 -12.93 -12.98 16.28
N LYS A 239 -12.27 -14.04 16.74
CA LYS A 239 -12.46 -14.66 18.07
C LYS A 239 -11.14 -15.31 18.48
N ARG A 240 -10.56 -14.91 19.61
CA ARG A 240 -9.20 -15.32 20.04
C ARG A 240 -8.27 -15.20 18.83
N ASN A 241 -7.64 -16.29 18.38
CA ASN A 241 -6.62 -16.22 17.30
C ASN A 241 -7.25 -16.51 15.94
N ASN A 242 -8.58 -16.54 15.86
CA ASN A 242 -9.33 -17.00 14.67
C ASN A 242 -9.99 -15.82 13.97
N PHE A 243 -10.00 -15.89 12.65
CA PHE A 243 -10.64 -14.93 11.74
C PHE A 243 -11.64 -15.71 10.88
N TYR A 244 -12.83 -15.14 10.71
CA TYR A 244 -13.96 -15.75 9.98
C TYR A 244 -14.57 -14.77 8.98
N ILE A 245 -14.95 -15.31 7.83
CA ILE A 245 -15.81 -14.59 6.85
C ILE A 245 -17.09 -15.40 6.68
N LYS A 246 -18.22 -14.71 6.75
CA LYS A 246 -19.53 -15.33 6.39
C LYS A 246 -19.86 -14.92 4.97
N ILE A 247 -20.04 -15.93 4.12
CA ILE A 247 -20.34 -15.82 2.67
C ILE A 247 -21.86 -15.97 2.45
N ARG A 248 -22.42 -15.06 1.66
CA ARG A 248 -23.79 -15.17 1.09
C ARG A 248 -24.09 -16.62 0.73
N PRO A 249 -25.33 -17.13 0.97
CA PRO A 249 -25.75 -18.38 0.34
C PRO A 249 -25.62 -18.27 -1.19
N GLY A 250 -25.06 -19.30 -1.83
CA GLY A 250 -25.09 -19.42 -3.31
C GLY A 250 -26.52 -19.51 -3.82
N GLU A 251 -26.73 -19.29 -5.12
CA GLU A 251 -28.07 -19.42 -5.73
C GLU A 251 -28.62 -20.82 -5.40
N PHE A 252 -29.86 -20.90 -4.94
CA PHE A 252 -30.57 -22.18 -4.64
C PHE A 252 -30.00 -22.88 -3.39
N GLU A 253 -29.05 -22.29 -2.68
CA GLU A 253 -28.46 -22.94 -1.48
C GLU A 253 -29.28 -22.51 -0.25
N GLN A 254 -29.51 -23.41 0.70
CA GLN A 254 -30.37 -23.08 1.86
C GLN A 254 -29.61 -22.14 2.81
N PHE A 255 -28.30 -22.37 3.02
CA PHE A 255 -27.52 -21.75 4.13
C PHE A 255 -26.33 -20.96 3.61
N GLU A 256 -25.99 -19.95 4.40
CA GLU A 256 -24.73 -19.18 4.29
C GLU A 256 -23.59 -20.15 4.60
N SER A 257 -22.35 -19.72 4.35
CA SER A 257 -21.14 -20.47 4.75
C SER A 257 -20.27 -19.53 5.61
N THR A 258 -19.57 -20.10 6.58
CA THR A 258 -18.57 -19.38 7.40
C THR A 258 -17.24 -20.07 7.16
N ILE A 259 -16.20 -19.31 6.79
CA ILE A 259 -14.84 -19.89 6.58
C ILE A 259 -13.91 -19.28 7.63
N GLY A 260 -13.21 -20.15 8.34
CA GLY A 260 -12.38 -19.83 9.53
C GLY A 260 -10.92 -19.97 9.18
N PHE A 261 -10.08 -19.08 9.71
CA PHE A 261 -8.61 -19.10 9.56
C PHE A 261 -7.95 -18.86 10.93
N LYS A 262 -6.77 -19.43 11.10
CA LYS A 262 -5.95 -19.23 12.33
C LYS A 262 -4.89 -18.18 12.03
N LEU A 263 -4.80 -17.17 12.88
CA LEU A 263 -3.78 -16.09 12.75
C LEU A 263 -2.69 -16.30 13.80
N PRO A 264 -1.52 -15.65 13.62
CA PRO A 264 -0.36 -15.83 14.51
C PRO A 264 -0.65 -15.56 15.98
N ASN A 265 -1.64 -14.71 16.29
CA ASN A 265 -2.06 -14.33 17.66
C ASN A 265 -3.33 -13.50 17.55
N HIS A 266 -3.88 -13.10 18.68
CA HIS A 266 -5.16 -12.34 18.77
C HIS A 266 -5.07 -10.96 18.09
N ARG A 267 -3.97 -10.24 18.32
CA ARG A 267 -3.72 -8.90 17.71
C ARG A 267 -3.77 -9.02 16.18
N ALA A 268 -3.13 -10.07 15.64
CA ALA A 268 -3.05 -10.33 14.19
C ALA A 268 -4.45 -10.60 13.65
N ALA A 269 -5.30 -11.35 14.37
CA ALA A 269 -6.68 -11.63 13.89
C ALA A 269 -7.47 -10.33 13.88
N LYS A 270 -7.33 -9.50 14.90
CA LYS A 270 -8.08 -8.24 15.03
C LYS A 270 -7.63 -7.27 13.92
N ARG A 271 -6.33 -7.22 13.66
CA ARG A 271 -5.75 -6.36 12.60
C ARG A 271 -6.29 -6.78 11.23
N LEU A 272 -6.36 -8.08 10.98
CA LEU A 272 -6.85 -8.55 9.66
C LEU A 272 -8.32 -8.18 9.55
N TRP A 273 -9.09 -8.43 10.61
CA TRP A 273 -10.53 -8.09 10.65
C TRP A 273 -10.69 -6.61 10.29
N LYS A 274 -9.92 -5.73 10.92
CA LYS A 274 -10.14 -4.26 10.76
C LYS A 274 -9.84 -3.86 9.31
N VAL A 275 -8.73 -4.32 8.74
CA VAL A 275 -8.36 -3.92 7.35
C VAL A 275 -9.37 -4.52 6.36
N CYS A 276 -9.88 -5.72 6.58
CA CYS A 276 -10.92 -6.30 5.68
C CYS A 276 -12.17 -5.45 5.72
N VAL A 277 -12.68 -5.14 6.90
CA VAL A 277 -13.92 -4.31 7.08
C VAL A 277 -13.70 -2.98 6.37
N GLU A 278 -12.50 -2.38 6.51
CA GLU A 278 -12.22 -1.05 5.90
C GLU A 278 -12.18 -1.16 4.37
N HIS A 279 -11.55 -2.18 3.82
CA HIS A 279 -11.53 -2.46 2.36
C HIS A 279 -12.97 -2.66 1.88
N HIS A 280 -13.73 -3.49 2.58
CA HIS A 280 -15.12 -3.84 2.20
C HIS A 280 -15.93 -2.55 2.07
N THR A 281 -15.86 -1.68 3.06
CA THR A 281 -16.56 -0.37 3.02
C THR A 281 -16.04 0.47 1.86
N PHE A 282 -14.72 0.64 1.76
CA PHE A 282 -14.14 1.63 0.84
C PHE A 282 -14.54 1.25 -0.59
N PHE A 283 -14.36 -0.02 -0.90
CA PHE A 283 -14.55 -0.49 -2.29
C PHE A 283 -16.02 -0.75 -2.56
N ARG A 284 -16.88 -0.95 -1.56
CA ARG A 284 -18.36 -0.85 -1.76
C ARG A 284 -18.77 0.54 -2.30
N LEU A 285 -18.13 1.61 -1.82
CA LEU A 285 -18.59 3.01 -2.07
C LEU A 285 -17.92 3.59 -3.31
N LEU A 286 -16.73 3.11 -3.67
CA LEU A 286 -15.83 3.83 -4.61
C LEU A 286 -16.52 3.95 -5.97
C1 7ZC B . -15.58 -4.42 -4.96
O2 7ZC B . -15.90 -3.78 -3.73
C3 7ZC B . -17.19 -3.93 -3.24
C4 7ZC B . -17.23 -4.33 -1.91
C5 7ZC B . -18.41 -4.61 -1.28
C6 7ZC B . -19.57 -4.42 -1.98
N7 7ZC B . -20.87 -4.60 -1.55
C8 7ZC B . -21.73 -4.22 -2.59
C9 7ZC B . -20.99 -3.80 -3.66
C10 7ZC B . -21.60 -3.20 -4.85
N11 7ZC B . -20.59 -2.87 -5.89
C12 7ZC B . -20.37 -4.05 -6.77
C13 7ZC B . -20.99 -1.65 -6.66
C14 7ZC B . -19.59 -3.95 -3.34
C15 7ZC B . -18.35 -3.71 -4.00
S DMS C . 10.02 5.59 3.40
O DMS C . 9.18 5.51 2.15
C1 DMS C . 10.24 3.91 3.94
C2 DMS C . 11.69 5.86 2.84
S DMS D . -5.25 -8.00 -8.03
O DMS D . -4.69 -8.19 -9.39
C1 DMS D . -4.06 -7.05 -7.13
C2 DMS D . -5.02 -9.56 -7.21
C1 EDO E . -4.83 18.31 -12.29
O1 EDO E . -3.90 17.71 -11.40
C2 EDO E . -4.68 17.81 -13.65
O2 EDO E . -4.94 16.41 -13.77
C1 EDO F . 3.70 -0.69 3.53
O1 EDO F . 4.60 0.29 3.98
C2 EDO F . 2.29 -0.27 3.63
O2 EDO F . 2.01 0.67 4.65
C1 EDO G . 4.27 -8.09 2.03
O1 EDO G . 4.05 -8.34 3.38
C2 EDO G . 3.07 -7.59 1.30
O2 EDO G . 1.96 -7.21 2.09
C1 EDO H . 14.73 6.62 -4.54
O1 EDO H . 16.11 6.58 -4.86
C2 EDO H . 13.96 5.52 -5.19
O2 EDO H . 12.71 5.18 -4.60
C1 EDO I . 1.26 -8.81 25.14
O1 EDO I . 2.19 -8.02 25.88
C2 EDO I . 0.98 -8.28 23.76
O2 EDO I . -0.38 -7.93 23.52
C1 EDO J . 1.82 -3.48 -0.48
O1 EDO J . 2.43 -2.88 0.61
C2 EDO J . 0.35 -3.28 -0.50
O2 EDO J . -0.19 -3.27 0.82
#